data_7N3F
#
_entry.id   7N3F
#
_cell.length_a   58.600
_cell.length_b   67.380
_cell.length_c   130.620
_cell.angle_alpha   90.000
_cell.angle_beta   90.000
_cell.angle_gamma   90.000
#
_symmetry.space_group_name_H-M   'P 21 21 21'
#
loop_
_entity.id
_entity.type
_entity.pdbx_description
1 polymer 'C080 Fab Heavy Chain'
2 polymer 'C080 Fab Light Chain'
3 water water
#
loop_
_entity_poly.entity_id
_entity_poly.type
_entity_poly.pdbx_seq_one_letter_code
_entity_poly.pdbx_strand_id
1 'polypeptide(L)'
;EVQLVQSGAEVKKPGESLNISCKASGYSFTIYWIAWVRQLPGKGLEWMGIIYPGDSDTRYSPSFQGQVTISADKSISTAY
LQWRSLKASDSAVYYCARGVAVDWYFDLWGRGTLVTVSSASTKGPSVFPLAPSSKSTSGGTAALGCLVKDYFPEPVTVSW
NSGALTSGVHTFPAVLQSSGLYSLSSVVTVPSSSLGTQTYICNVNHKPSNTKVDKRVEPKSCDKTHHHHHH
;
H
2 'polypeptide(L)'
;QSVLTQPPSVSGAPGQRVTISCAGSSSNIGAGFDVYWYQQLPGTAPKLLIYGNNNRPSGVPDRFSGSKSGTSASLAITGL
QAEDEADYYCQSSGSVLSDLYVFGTGTKVTVLGQPKAAPSVTLFPPSSEELQANKATLVCLISDFYPGAVTVAWKADSSP
VKAGVETTTPSKQSNNKYAASSYLSLTPEQWKSHRSYSCQVTHEGSTVEKTVAPTECS
;
L
#
# COMPACT_ATOMS: atom_id res chain seq x y z
N GLU A 1 8.06 28.39 -9.36
CA GLU A 1 8.01 27.12 -10.14
C GLU A 1 6.60 26.51 -10.11
N VAL A 2 6.18 25.92 -11.23
CA VAL A 2 4.85 25.34 -11.30
C VAL A 2 4.76 24.25 -10.24
N GLN A 3 3.67 24.29 -9.46
CA GLN A 3 3.41 23.30 -8.44
C GLN A 3 1.92 23.16 -8.23
N LEU A 4 1.48 21.96 -7.85
CA LEU A 4 0.10 21.71 -7.50
C LEU A 4 0.14 21.09 -6.11
N VAL A 5 -0.49 21.74 -5.14
CA VAL A 5 -0.38 21.33 -3.74
C VAL A 5 -1.75 20.86 -3.27
N GLN A 6 -1.86 19.59 -2.92
CA GLN A 6 -3.14 19.02 -2.55
C GLN A 6 -3.25 18.90 -1.02
N SER A 7 -4.47 19.03 -0.51
CA SER A 7 -4.74 18.91 0.91
C SER A 7 -4.41 17.47 1.38
N GLY A 8 -4.37 17.30 2.70
CA GLY A 8 -3.90 16.06 3.26
C GLY A 8 -4.99 15.00 3.39
N ALA A 9 -4.58 13.86 3.97
CA ALA A 9 -5.46 12.70 4.05
C ALA A 9 -6.75 13.01 4.81
N GLU A 10 -7.82 12.34 4.39
CA GLU A 10 -9.14 12.48 5.02
C GLU A 10 -9.66 11.10 5.45
N VAL A 11 -10.39 11.10 6.57
CA VAL A 11 -11.00 9.91 7.13
C VAL A 11 -12.46 10.26 7.41
N LYS A 12 -13.38 9.56 6.80
CA LYS A 12 -14.79 9.89 6.86
C LYS A 12 -15.60 8.60 6.96
N LYS A 13 -16.82 8.71 7.43
CA LYS A 13 -17.76 7.60 7.46
C LYS A 13 -18.71 7.69 6.26
N PRO A 14 -19.31 6.59 5.83
CA PRO A 14 -20.25 6.66 4.71
C PRO A 14 -21.42 7.57 5.04
N GLY A 15 -21.87 8.34 4.04
CA GLY A 15 -22.93 9.29 4.25
C GLY A 15 -22.49 10.66 4.65
N GLU A 16 -21.20 10.89 4.86
CA GLU A 16 -20.70 12.22 5.16
C GLU A 16 -20.31 12.94 3.87
N SER A 17 -20.25 14.26 3.94
CA SER A 17 -19.83 15.08 2.82
C SER A 17 -18.34 15.41 2.95
N LEU A 18 -17.72 15.75 1.82
CA LEU A 18 -16.30 16.04 1.82
C LEU A 18 -15.95 16.92 0.62
N ASN A 19 -15.02 17.84 0.82
CA ASN A 19 -14.34 18.54 -0.27
C ASN A 19 -12.83 18.47 -0.05
N ILE A 20 -12.10 18.21 -1.12
CA ILE A 20 -10.65 18.22 -1.12
C ILE A 20 -10.18 19.26 -2.12
N SER A 21 -8.93 19.70 -1.96
CA SER A 21 -8.50 20.89 -2.67
C SER A 21 -7.12 20.70 -3.31
N CYS A 22 -6.85 21.60 -4.27
CA CYS A 22 -5.60 21.57 -5.02
C CYS A 22 -5.26 23.01 -5.35
N LYS A 23 -4.18 23.52 -4.77
CA LYS A 23 -3.77 24.90 -4.96
C LYS A 23 -2.63 24.94 -5.96
N ALA A 24 -2.79 25.73 -7.01
CA ALA A 24 -1.79 25.90 -8.04
C ALA A 24 -0.96 27.13 -7.77
N SER A 25 0.33 27.02 -8.04
CA SER A 25 1.25 28.16 -7.99
C SER A 25 2.19 28.09 -9.17
N GLY A 26 2.81 29.23 -9.48
CA GLY A 26 3.83 29.26 -10.48
C GLY A 26 3.38 29.53 -11.90
N TYR A 27 2.08 29.68 -12.15
CA TYR A 27 1.60 29.92 -13.49
C TYR A 27 0.23 30.59 -13.45
N SER A 28 -0.28 30.97 -14.63
CA SER A 28 -1.60 31.57 -14.77
C SER A 28 -2.67 30.51 -14.62
N PHE A 29 -3.35 30.51 -13.46
CA PHE A 29 -4.25 29.42 -13.12
C PHE A 29 -5.39 29.28 -14.12
N THR A 30 -5.87 30.39 -14.67
CA THR A 30 -7.15 30.40 -15.34
C THR A 30 -7.11 29.86 -16.76
N ILE A 31 -5.92 29.59 -17.31
CA ILE A 31 -5.78 29.28 -18.74
C ILE A 31 -5.32 27.85 -18.98
N TYR A 32 -5.23 27.04 -17.93
CA TYR A 32 -4.97 25.63 -18.04
C TYR A 32 -6.07 24.78 -17.36
N TRP A 33 -6.49 23.74 -18.05
CA TRP A 33 -7.44 22.78 -17.50
C TRP A 33 -6.83 22.05 -16.30
N ILE A 34 -7.66 21.78 -15.29
CA ILE A 34 -7.29 20.96 -14.14
C ILE A 34 -8.18 19.73 -14.14
N ALA A 35 -7.57 18.55 -13.98
CA ALA A 35 -8.28 17.29 -13.94
C ALA A 35 -8.21 16.69 -12.56
N TRP A 36 -9.18 15.85 -12.21
CA TRP A 36 -9.09 15.02 -11.03
C TRP A 36 -9.03 13.57 -11.50
N VAL A 37 -8.15 12.80 -10.85
CA VAL A 37 -7.84 11.44 -11.25
C VAL A 37 -7.87 10.59 -10.00
N ARG A 38 -8.55 9.44 -10.05
CA ARG A 38 -8.71 8.54 -8.92
C ARG A 38 -7.85 7.30 -9.11
N GLN A 39 -7.27 6.85 -8.01
CA GLN A 39 -6.53 5.58 -7.97
C GLN A 39 -7.10 4.69 -6.85
N LEU A 40 -7.89 3.68 -7.22
CA LEU A 40 -8.49 2.80 -6.23
C LEU A 40 -7.44 1.83 -5.75
N PRO A 41 -7.59 1.26 -4.55
CA PRO A 41 -6.56 0.36 -4.03
C PRO A 41 -6.29 -0.78 -5.02
N GLY A 42 -5.03 -0.93 -5.39
CA GLY A 42 -4.63 -2.01 -6.27
C GLY A 42 -5.00 -1.83 -7.73
N LYS A 43 -5.48 -0.64 -8.11
CA LYS A 43 -5.90 -0.40 -9.48
C LYS A 43 -5.03 0.68 -10.10
N GLY A 44 -5.24 0.93 -11.38
CA GLY A 44 -4.59 2.03 -12.06
C GLY A 44 -5.33 3.34 -11.82
N LEU A 45 -5.02 4.33 -12.64
CA LEU A 45 -5.64 5.64 -12.58
C LEU A 45 -6.90 5.67 -13.42
N GLU A 46 -7.84 6.54 -13.04
CA GLU A 46 -9.12 6.71 -13.72
C GLU A 46 -9.46 8.19 -13.68
N TRP A 47 -9.65 8.82 -14.83
CA TRP A 47 -9.98 10.24 -14.87
C TRP A 47 -11.45 10.44 -14.47
N MET A 48 -11.69 11.44 -13.66
CA MET A 48 -13.02 11.76 -13.15
C MET A 48 -13.69 12.94 -13.82
N GLY A 49 -12.95 14.01 -14.02
CA GLY A 49 -13.44 15.17 -14.74
C GLY A 49 -12.36 16.20 -14.81
N ILE A 50 -12.69 17.31 -15.49
CA ILE A 50 -11.75 18.39 -15.70
C ILE A 50 -12.51 19.70 -15.63
N ILE A 51 -11.83 20.78 -15.29
CA ILE A 51 -12.46 22.09 -15.20
C ILE A 51 -11.49 23.11 -15.78
N TYR A 52 -12.05 24.08 -16.48
CA TYR A 52 -11.31 25.23 -16.97
C TYR A 52 -11.54 26.38 -16.01
N PRO A 53 -10.55 26.77 -15.22
CA PRO A 53 -10.82 27.68 -14.10
C PRO A 53 -11.22 29.07 -14.53
N GLY A 54 -10.89 29.50 -15.75
CA GLY A 54 -11.24 30.84 -16.17
C GLY A 54 -12.73 31.10 -16.17
N ASP A 55 -13.52 30.14 -16.68
CA ASP A 55 -14.98 30.30 -16.73
C ASP A 55 -15.69 29.17 -15.99
N SER A 56 -14.93 28.29 -15.33
CA SER A 56 -15.45 27.14 -14.57
C SER A 56 -16.22 26.17 -15.46
N ASP A 57 -15.85 26.09 -16.74
CA ASP A 57 -16.40 25.06 -17.62
C ASP A 57 -15.91 23.69 -17.18
N THR A 58 -16.83 22.77 -16.96
CA THR A 58 -16.53 21.47 -16.35
C THR A 58 -17.02 20.36 -17.28
N ARG A 59 -16.19 19.32 -17.41
CA ARG A 59 -16.56 18.10 -18.13
C ARG A 59 -16.32 16.91 -17.20
N TYR A 60 -17.30 16.02 -17.12
CA TYR A 60 -17.24 14.86 -16.23
C TYR A 60 -17.18 13.58 -17.04
N SER A 61 -16.39 12.62 -16.57
CA SER A 61 -16.55 11.26 -17.08
C SER A 61 -17.94 10.76 -16.71
N PRO A 62 -18.61 10.02 -17.60
CA PRO A 62 -19.96 9.52 -17.26
C PRO A 62 -20.01 8.71 -15.97
N SER A 63 -18.94 8.00 -15.61
CA SER A 63 -19.00 7.19 -14.39
C SER A 63 -19.23 8.05 -13.17
N PHE A 64 -18.66 9.26 -13.16
CA PHE A 64 -18.66 10.10 -11.98
C PHE A 64 -19.63 11.28 -12.11
N GLN A 65 -20.30 11.43 -13.24
CA GLN A 65 -21.33 12.46 -13.37
C GLN A 65 -22.41 12.24 -12.33
N GLY A 66 -22.69 13.28 -11.55
CA GLY A 66 -23.68 13.18 -10.50
C GLY A 66 -23.22 12.53 -9.21
N GLN A 67 -22.04 11.97 -9.17
CA GLN A 67 -21.45 11.45 -7.93
C GLN A 67 -20.52 12.46 -7.28
N VAL A 68 -19.91 13.35 -8.06
CA VAL A 68 -19.03 14.37 -7.52
C VAL A 68 -19.28 15.70 -8.22
N THR A 69 -18.81 16.77 -7.59
CA THR A 69 -18.87 18.12 -8.14
C THR A 69 -17.45 18.63 -8.16
N ILE A 70 -17.03 19.17 -9.29
CA ILE A 70 -15.73 19.80 -9.43
C ILE A 70 -15.96 21.30 -9.55
N SER A 71 -15.15 22.10 -8.87
CA SER A 71 -15.31 23.54 -8.91
C SER A 71 -13.95 24.20 -8.76
N ALA A 72 -13.93 25.50 -8.90
CA ALA A 72 -12.67 26.24 -8.81
C ALA A 72 -12.92 27.64 -8.28
N ASP A 73 -11.95 28.15 -7.52
CA ASP A 73 -11.98 29.49 -6.96
C ASP A 73 -10.77 30.24 -7.50
N LYS A 74 -11.01 31.10 -8.49
CA LYS A 74 -9.91 31.79 -9.15
C LYS A 74 -9.10 32.64 -8.17
N SER A 75 -9.78 33.29 -7.23
CA SER A 75 -9.09 34.24 -6.37
C SER A 75 -7.92 33.59 -5.64
N ILE A 76 -8.00 32.30 -5.35
CA ILE A 76 -6.97 31.63 -4.57
C ILE A 76 -6.36 30.46 -5.34
N SER A 77 -6.53 30.44 -6.66
CA SER A 77 -5.93 29.46 -7.55
C SER A 77 -6.11 28.04 -7.05
N THR A 78 -7.35 27.71 -6.68
CA THR A 78 -7.61 26.39 -6.09
C THR A 78 -8.80 25.72 -6.76
N ALA A 79 -8.64 24.43 -7.06
CA ALA A 79 -9.69 23.57 -7.59
C ALA A 79 -10.13 22.64 -6.46
N TYR A 80 -11.37 22.17 -6.55
CA TYR A 80 -11.98 21.37 -5.50
C TYR A 80 -12.67 20.17 -6.14
N LEU A 81 -12.71 19.09 -5.38
CA LEU A 81 -13.48 17.88 -5.69
C LEU A 81 -14.39 17.64 -4.50
N GLN A 82 -15.68 17.43 -4.76
CA GLN A 82 -16.66 17.47 -3.68
C GLN A 82 -17.64 16.31 -3.78
N TRP A 83 -17.89 15.66 -2.65
CA TRP A 83 -18.94 14.66 -2.55
C TRP A 83 -20.01 15.15 -1.57
N ARG A 84 -21.27 14.95 -1.94
CA ARG A 84 -22.35 15.26 -1.01
C ARG A 84 -22.52 14.10 -0.03
N SER A 85 -22.34 12.85 -0.51
CA SER A 85 -22.58 11.66 0.31
C SER A 85 -21.58 10.55 -0.03
N LEU A 86 -20.58 10.38 0.83
CA LEU A 86 -19.50 9.45 0.54
C LEU A 86 -19.91 8.00 0.73
N LYS A 87 -19.24 7.11 -0.02
CA LYS A 87 -19.43 5.67 0.12
C LYS A 87 -18.10 5.00 0.35
N ALA A 88 -18.16 3.83 0.99
CA ALA A 88 -16.95 3.07 1.28
C ALA A 88 -16.10 2.89 0.03
N SER A 89 -16.75 2.68 -1.11
CA SER A 89 -16.04 2.48 -2.37
C SER A 89 -15.40 3.75 -2.90
N ASP A 90 -15.61 4.90 -2.25
CA ASP A 90 -14.88 6.12 -2.58
C ASP A 90 -13.49 6.17 -1.94
N SER A 91 -13.13 5.18 -1.11
CA SER A 91 -11.78 5.14 -0.54
C SER A 91 -10.77 4.96 -1.67
N ALA A 92 -9.86 5.92 -1.80
CA ALA A 92 -8.91 5.96 -2.90
C ALA A 92 -7.96 7.13 -2.67
N VAL A 93 -6.94 7.22 -3.52
CA VAL A 93 -6.06 8.38 -3.61
C VAL A 93 -6.56 9.22 -4.78
N TYR A 94 -6.70 10.53 -4.57
CA TYR A 94 -7.25 11.44 -5.57
C TYR A 94 -6.14 12.41 -5.96
N TYR A 95 -5.85 12.49 -7.27
CA TYR A 95 -4.80 13.37 -7.80
C TYR A 95 -5.43 14.53 -8.58
N CYS A 96 -4.85 15.72 -8.42
CA CYS A 96 -5.02 16.90 -9.26
C CYS A 96 -3.95 16.86 -10.34
N ALA A 97 -4.30 17.28 -11.55
CA ALA A 97 -3.29 17.32 -12.61
C ALA A 97 -3.64 18.40 -13.63
N ARG A 98 -2.60 18.98 -14.25
CA ARG A 98 -2.74 20.07 -15.20
C ARG A 98 -2.69 19.54 -16.63
N GLY A 99 -3.74 19.80 -17.37
CA GLY A 99 -3.80 19.41 -18.75
C GLY A 99 -3.00 20.33 -19.66
N VAL A 100 -2.63 19.78 -20.81
CA VAL A 100 -1.87 20.50 -21.82
C VAL A 100 -2.79 20.93 -22.95
N ALA A 101 -2.41 22.01 -23.61
CA ALA A 101 -3.15 22.51 -24.75
C ALA A 101 -3.11 21.52 -25.91
N VAL A 102 -4.28 21.15 -26.40
CA VAL A 102 -4.48 20.41 -27.64
C VAL A 102 -4.27 18.92 -27.44
N ASP A 103 -3.13 18.55 -26.86
CA ASP A 103 -2.82 17.14 -26.66
C ASP A 103 -3.45 16.65 -25.35
N TRP A 104 -3.78 15.38 -25.32
CA TRP A 104 -4.52 14.82 -24.21
C TRP A 104 -3.58 14.16 -23.22
N TYR A 105 -2.81 14.98 -22.52
CA TYR A 105 -1.96 14.45 -21.46
C TYR A 105 -1.73 15.53 -20.42
N PHE A 106 -1.02 15.16 -19.35
CA PHE A 106 -0.81 16.04 -18.20
C PHE A 106 0.68 16.29 -18.04
N ASP A 107 1.05 17.54 -17.80
CA ASP A 107 2.44 17.90 -17.63
C ASP A 107 2.80 18.22 -16.20
N LEU A 108 1.83 18.21 -15.28
CA LEU A 108 2.04 18.58 -13.89
C LEU A 108 1.03 17.87 -13.01
N TRP A 109 1.50 17.23 -11.94
CA TRP A 109 0.62 16.48 -11.05
C TRP A 109 0.78 16.92 -9.61
N GLY A 110 -0.33 16.83 -8.85
CA GLY A 110 -0.24 16.87 -7.40
C GLY A 110 0.25 15.55 -6.84
N ARG A 111 0.50 15.54 -5.52
CA ARG A 111 1.01 14.35 -4.85
C ARG A 111 -0.07 13.33 -4.53
N GLY A 112 -1.35 13.72 -4.61
CA GLY A 112 -2.41 12.84 -4.22
C GLY A 112 -2.94 13.04 -2.82
N THR A 113 -4.25 12.87 -2.66
CA THR A 113 -4.93 12.97 -1.37
C THR A 113 -5.57 11.62 -1.09
N LEU A 114 -5.12 10.96 -0.03
CA LEU A 114 -5.77 9.74 0.41
C LEU A 114 -7.11 10.06 1.06
N VAL A 115 -8.19 9.48 0.58
CA VAL A 115 -9.49 9.58 1.25
C VAL A 115 -9.88 8.18 1.70
N THR A 116 -10.15 8.01 3.00
CA THR A 116 -10.54 6.72 3.56
C THR A 116 -11.96 6.83 4.11
N VAL A 117 -12.86 5.98 3.58
CA VAL A 117 -14.24 5.97 4.00
C VAL A 117 -14.54 4.62 4.61
N SER A 118 -14.84 4.60 5.90
CA SER A 118 -14.96 3.40 6.70
C SER A 118 -16.02 3.65 7.76
N SER A 119 -16.76 2.61 8.11
CA SER A 119 -17.68 2.73 9.25
C SER A 119 -16.96 2.55 10.57
N ALA A 120 -15.66 2.26 10.55
CA ALA A 120 -14.92 2.07 11.78
C ALA A 120 -14.98 3.31 12.65
N SER A 121 -15.17 3.08 13.94
CA SER A 121 -15.19 4.11 14.96
C SER A 121 -13.91 4.01 15.78
N THR A 122 -13.51 5.12 16.39
CA THR A 122 -12.36 5.11 17.27
C THR A 122 -12.49 3.99 18.31
N LYS A 123 -11.44 3.15 18.38
CA LYS A 123 -11.48 1.97 19.26
C LYS A 123 -10.07 1.65 19.75
N GLY A 124 -9.94 1.40 21.04
CA GLY A 124 -8.65 1.08 21.61
C GLY A 124 -8.35 -0.40 21.48
N PRO A 125 -7.09 -0.77 21.57
CA PRO A 125 -6.70 -2.16 21.35
C PRO A 125 -6.90 -3.03 22.59
N SER A 126 -7.03 -4.31 22.33
CA SER A 126 -6.84 -5.40 23.29
C SER A 126 -5.46 -5.97 23.05
N VAL A 127 -4.69 -6.18 24.12
CA VAL A 127 -3.30 -6.60 24.02
C VAL A 127 -3.17 -8.00 24.63
N PHE A 128 -2.57 -8.90 23.89
CA PHE A 128 -2.36 -10.28 24.28
C PHE A 128 -0.88 -10.62 24.19
N PRO A 129 -0.37 -11.46 25.08
CA PRO A 129 1.05 -11.80 25.07
C PRO A 129 1.35 -12.85 24.02
N LEU A 130 2.54 -12.75 23.41
CA LEU A 130 3.07 -13.83 22.57
C LEU A 130 4.23 -14.46 23.36
N ALA A 131 3.95 -15.59 24.01
CA ALA A 131 4.86 -16.18 24.97
C ALA A 131 6.15 -16.61 24.28
N PRO A 132 7.27 -16.50 24.98
CA PRO A 132 8.56 -16.69 24.30
C PRO A 132 8.70 -18.05 23.64
N SER A 133 9.39 -18.03 22.49
CA SER A 133 9.70 -19.20 21.69
C SER A 133 11.11 -19.05 21.12
N SER A 134 11.88 -20.13 21.19
CA SER A 134 13.27 -20.16 20.69
C SER A 134 13.42 -20.92 19.38
N LYS A 135 12.30 -21.27 18.75
CA LYS A 135 12.34 -22.21 17.64
C LYS A 135 12.88 -21.62 16.35
N SER A 136 12.71 -20.31 16.17
CA SER A 136 13.14 -19.63 14.96
C SER A 136 14.17 -18.53 15.23
N THR A 137 14.76 -18.48 16.41
CA THR A 137 15.74 -17.45 16.75
C THR A 137 17.12 -18.07 16.83
N SER A 138 18.13 -17.21 16.86
CA SER A 138 19.51 -17.71 16.93
C SER A 138 19.77 -18.34 18.29
N GLY A 139 20.84 -19.13 18.37
CA GLY A 139 21.13 -19.88 19.58
C GLY A 139 21.29 -18.97 20.78
N GLY A 140 20.72 -19.41 21.91
CA GLY A 140 20.81 -18.69 23.15
C GLY A 140 19.83 -17.55 23.30
N THR A 141 18.93 -17.36 22.33
CA THR A 141 17.97 -16.28 22.42
C THR A 141 16.56 -16.83 22.26
N ALA A 142 15.57 -16.03 22.65
CA ALA A 142 14.17 -16.32 22.50
C ALA A 142 13.40 -15.08 22.04
N ALA A 143 12.30 -15.31 21.34
CA ALA A 143 11.45 -14.26 20.85
C ALA A 143 10.16 -14.28 21.65
N LEU A 144 9.79 -13.12 22.17
CA LEU A 144 8.52 -12.90 22.87
C LEU A 144 7.90 -11.63 22.33
N GLY A 145 6.61 -11.45 22.57
CA GLY A 145 5.99 -10.26 21.96
C GLY A 145 4.62 -9.97 22.51
N CYS A 146 3.96 -8.97 21.94
CA CYS A 146 2.56 -8.71 22.25
C CYS A 146 1.81 -8.45 20.97
N LEU A 147 0.59 -9.02 20.93
CA LEU A 147 -0.34 -8.85 19.84
C LEU A 147 -1.29 -7.71 20.22
N VAL A 148 -1.32 -6.68 19.40
CA VAL A 148 -2.16 -5.51 19.66
C VAL A 148 -3.30 -5.59 18.68
N LYS A 149 -4.49 -5.94 19.14
CA LYS A 149 -5.56 -6.36 18.26
C LYS A 149 -6.69 -5.34 18.23
N ASP A 150 -7.19 -5.09 17.01
CA ASP A 150 -8.52 -4.48 16.80
C ASP A 150 -8.63 -3.06 17.34
N TYR A 151 -7.84 -2.16 16.77
CA TYR A 151 -7.88 -0.75 17.14
C TYR A 151 -8.07 0.09 15.88
N PHE A 152 -8.45 1.34 16.12
CA PHE A 152 -8.67 2.30 15.02
C PHE A 152 -8.64 3.69 15.63
N PRO A 153 -7.98 4.66 14.99
CA PRO A 153 -7.19 4.56 13.75
C PRO A 153 -5.75 4.21 14.09
N GLU A 154 -4.89 4.05 13.08
CA GLU A 154 -3.45 4.05 13.35
C GLU A 154 -3.06 5.40 13.95
N PRO A 155 -1.94 5.47 14.68
CA PRO A 155 -1.01 4.40 15.02
C PRO A 155 -1.16 4.01 16.48
N VAL A 156 -0.59 2.87 16.86
CA VAL A 156 -0.30 2.58 18.24
C VAL A 156 1.21 2.70 18.38
N THR A 157 1.66 3.10 19.56
CA THR A 157 3.07 3.04 19.91
C THR A 157 3.32 1.89 20.87
N VAL A 158 4.39 1.12 20.61
CA VAL A 158 4.78 0.02 21.48
C VAL A 158 6.20 0.27 21.94
N SER A 159 6.39 0.33 23.24
CA SER A 159 7.73 0.24 23.79
C SER A 159 7.80 -0.98 24.68
N TRP A 160 9.02 -1.32 25.08
CA TRP A 160 9.29 -2.46 25.97
C TRP A 160 10.02 -1.93 27.20
N ASN A 161 9.59 -2.39 28.37
CA ASN A 161 10.19 -1.98 29.66
C ASN A 161 10.35 -0.47 29.74
N SER A 162 9.29 0.24 29.39
CA SER A 162 9.21 1.69 29.43
C SER A 162 10.33 2.35 28.64
N GLY A 163 10.69 1.74 27.52
CA GLY A 163 11.74 2.25 26.66
C GLY A 163 13.13 1.89 27.09
N ALA A 164 13.30 1.13 28.17
CA ALA A 164 14.64 0.71 28.56
C ALA A 164 15.18 -0.36 27.61
N LEU A 165 14.30 -1.15 27.01
CA LEU A 165 14.68 -2.22 26.11
C LEU A 165 14.41 -1.77 24.69
N THR A 166 15.47 -1.54 23.94
CA THR A 166 15.33 -1.15 22.53
C THR A 166 16.03 -2.09 21.56
N SER A 167 17.16 -2.66 21.95
CA SER A 167 17.85 -3.60 21.08
C SER A 167 17.04 -4.88 20.94
N GLY A 168 16.97 -5.38 19.70
CA GLY A 168 16.22 -6.59 19.41
C GLY A 168 14.73 -6.43 19.27
N VAL A 169 14.21 -5.20 19.28
CA VAL A 169 12.78 -4.96 19.17
C VAL A 169 12.40 -4.86 17.70
N HIS A 170 11.34 -5.55 17.30
CA HIS A 170 10.82 -5.43 15.93
C HIS A 170 9.31 -5.29 16.04
N THR A 171 8.82 -4.08 15.85
CA THR A 171 7.39 -3.82 15.81
C THR A 171 6.97 -3.84 14.35
N PHE A 172 6.13 -4.76 14.00
CA PHE A 172 5.75 -4.98 12.61
C PHE A 172 4.66 -3.99 12.20
N PRO A 173 4.67 -3.55 10.95
CA PRO A 173 3.54 -2.74 10.45
C PRO A 173 2.20 -3.44 10.67
N ALA A 174 1.17 -2.65 10.88
CA ALA A 174 -0.14 -3.19 11.18
C ALA A 174 -0.80 -3.77 9.93
N VAL A 175 -1.73 -4.67 10.16
CA VAL A 175 -2.58 -5.22 9.11
C VAL A 175 -3.95 -4.59 9.23
N LEU A 176 -4.55 -4.22 8.11
CA LEU A 176 -5.93 -3.72 8.07
C LEU A 176 -6.86 -4.90 7.76
N GLN A 177 -7.77 -5.19 8.68
CA GLN A 177 -8.67 -6.32 8.55
C GLN A 177 -9.92 -5.91 7.81
N SER A 178 -10.69 -6.91 7.37
CA SER A 178 -11.95 -6.64 6.67
C SER A 178 -12.95 -5.94 7.58
N SER A 179 -12.82 -6.13 8.89
CA SER A 179 -13.66 -5.42 9.84
C SER A 179 -13.42 -3.92 9.87
N GLY A 180 -12.37 -3.43 9.23
CA GLY A 180 -12.01 -2.04 9.30
C GLY A 180 -11.02 -1.70 10.39
N LEU A 181 -10.63 -2.66 11.23
CA LEU A 181 -9.78 -2.38 12.37
C LEU A 181 -8.37 -2.92 12.13
N TYR A 182 -7.40 -2.31 12.80
CA TYR A 182 -6.00 -2.67 12.70
C TYR A 182 -5.54 -3.60 13.81
N SER A 183 -4.51 -4.39 13.47
CA SER A 183 -3.80 -5.26 14.41
C SER A 183 -2.34 -5.20 14.06
N LEU A 184 -1.49 -5.27 15.08
CA LEU A 184 -0.08 -5.40 14.83
C LEU A 184 0.55 -6.27 15.91
N SER A 185 1.81 -6.66 15.67
CA SER A 185 2.62 -7.38 16.64
C SER A 185 3.96 -6.67 16.81
N SER A 186 4.47 -6.76 18.02
CA SER A 186 5.79 -6.28 18.39
C SER A 186 6.48 -7.43 19.09
N VAL A 187 7.66 -7.79 18.60
CA VAL A 187 8.44 -8.90 19.12
C VAL A 187 9.81 -8.39 19.55
N VAL A 188 10.31 -8.94 20.64
CA VAL A 188 11.65 -8.63 21.08
C VAL A 188 12.41 -9.95 21.26
N THR A 189 13.66 -9.97 20.82
CA THR A 189 14.56 -11.12 20.95
C THR A 189 15.47 -10.84 22.12
N VAL A 190 15.45 -11.75 23.09
CA VAL A 190 16.17 -11.57 24.35
C VAL A 190 16.96 -12.84 24.65
N PRO A 191 17.94 -12.79 25.55
CA PRO A 191 18.65 -14.02 25.92
C PRO A 191 17.70 -15.00 26.61
N SER A 192 17.84 -16.28 26.25
CA SER A 192 17.03 -17.34 26.86
C SER A 192 17.29 -17.42 28.35
N SER A 193 18.54 -17.27 28.77
CA SER A 193 18.88 -17.36 30.18
C SER A 193 18.25 -16.26 31.03
N SER A 194 17.68 -15.24 30.40
CA SER A 194 17.07 -14.13 31.11
C SER A 194 15.57 -14.34 31.38
N LEU A 195 14.96 -15.38 30.81
CA LEU A 195 13.50 -15.47 30.84
C LEU A 195 12.99 -15.72 32.25
N GLY A 196 13.81 -16.28 33.11
CA GLY A 196 13.37 -16.54 34.47
C GLY A 196 13.61 -15.39 35.43
N THR A 197 14.57 -14.54 35.12
CA THR A 197 14.96 -13.45 35.99
C THR A 197 14.51 -12.07 35.53
N GLN A 198 14.36 -11.83 34.23
CA GLN A 198 14.05 -10.51 33.71
C GLN A 198 12.57 -10.39 33.34
N THR A 199 11.92 -9.35 33.83
CA THR A 199 10.52 -9.12 33.49
C THR A 199 10.45 -8.34 32.17
N TYR A 200 9.50 -8.74 31.32
CA TYR A 200 9.29 -8.08 30.03
C TYR A 200 7.86 -7.57 30.00
N ILE A 201 7.70 -6.28 29.80
CA ILE A 201 6.40 -5.64 29.75
C ILE A 201 6.37 -4.87 28.47
N CYS A 202 5.34 -5.07 27.69
CA CYS A 202 5.12 -4.19 26.55
C CYS A 202 4.13 -3.08 26.91
N ASN A 203 4.53 -1.84 26.57
CA ASN A 203 3.80 -0.62 26.84
C ASN A 203 3.14 -0.17 25.54
N VAL A 204 1.83 -0.28 25.46
CA VAL A 204 1.07 0.03 24.27
C VAL A 204 0.25 1.29 24.53
N ASN A 205 0.37 2.27 23.65
CA ASN A 205 -0.36 3.54 23.78
C ASN A 205 -1.16 3.79 22.51
N HIS A 206 -2.41 4.18 22.66
CA HIS A 206 -3.28 4.54 21.54
C HIS A 206 -3.92 5.87 21.87
N LYS A 207 -3.40 6.95 21.32
CA LYS A 207 -3.85 8.26 21.76
C LYS A 207 -5.30 8.51 21.36
N PRO A 208 -5.74 8.14 20.15
CA PRO A 208 -7.13 8.47 19.77
C PRO A 208 -8.17 7.93 20.72
N SER A 209 -7.96 6.76 21.33
CA SER A 209 -8.88 6.22 22.31
C SER A 209 -8.48 6.52 23.75
N ASN A 210 -7.36 7.20 23.95
CA ASN A 210 -6.80 7.50 25.26
C ASN A 210 -6.66 6.25 26.11
N THR A 211 -6.13 5.23 25.49
CA THR A 211 -5.94 3.90 26.05
C THR A 211 -4.44 3.68 26.25
N LYS A 212 -4.08 3.10 27.38
CA LYS A 212 -2.69 2.79 27.67
C LYS A 212 -2.66 1.45 28.37
N VAL A 213 -1.84 0.54 27.87
CA VAL A 213 -1.78 -0.83 28.37
C VAL A 213 -0.34 -1.20 28.66
N ASP A 214 -0.09 -1.81 29.82
CA ASP A 214 1.24 -2.33 30.16
C ASP A 214 1.04 -3.82 30.45
N LYS A 215 1.40 -4.66 29.49
CA LYS A 215 1.11 -6.09 29.52
C LYS A 215 2.38 -6.88 29.80
N ARG A 216 2.36 -7.65 30.88
CA ARG A 216 3.45 -8.55 31.18
C ARG A 216 3.43 -9.75 30.25
N VAL A 217 4.60 -10.13 29.75
CA VAL A 217 4.73 -11.28 28.85
C VAL A 217 5.59 -12.32 29.57
N GLU A 218 4.99 -13.38 29.95
CA GLU A 218 5.68 -14.39 30.76
C GLU A 218 5.86 -15.69 29.97
N PRO A 219 6.87 -16.49 30.32
CA PRO A 219 6.96 -17.84 29.71
C PRO A 219 5.68 -18.64 29.94
N LYS A 220 5.39 -19.56 29.01
CA LYS A 220 4.19 -20.37 29.15
C LYS A 220 4.31 -21.35 30.31
N SER A 221 5.49 -21.97 30.47
CA SER A 221 5.72 -22.97 31.52
C SER A 221 4.63 -24.04 31.63
N GLN B 1 -13.92 3.66 -18.41
CA GLN B 1 -14.25 2.40 -19.12
C GLN B 1 -13.01 1.62 -19.59
N SER B 2 -12.26 2.16 -20.56
CA SER B 2 -11.07 1.47 -21.05
C SER B 2 -9.92 1.63 -20.06
N VAL B 3 -9.05 0.59 -20.00
CA VAL B 3 -7.77 0.67 -19.31
C VAL B 3 -6.70 0.07 -20.22
N LEU B 4 -5.46 0.52 -20.03
CA LEU B 4 -4.31 -0.06 -20.73
C LEU B 4 -3.66 -1.08 -19.78
N THR B 5 -3.46 -2.30 -20.24
CA THR B 5 -3.01 -3.37 -19.36
C THR B 5 -1.51 -3.41 -19.32
N GLN B 6 -0.96 -3.30 -18.11
CA GLN B 6 0.47 -3.32 -17.84
C GLN B 6 0.82 -4.48 -16.92
N PRO B 7 2.04 -5.00 -16.99
CA PRO B 7 2.52 -5.96 -15.98
C PRO B 7 2.59 -5.32 -14.60
N PRO B 8 2.08 -6.00 -13.57
CA PRO B 8 2.15 -5.42 -12.22
C PRO B 8 3.57 -5.13 -11.78
N SER B 9 4.54 -5.92 -12.19
CA SER B 9 5.88 -5.76 -11.66
C SER B 9 6.94 -6.20 -12.66
N VAL B 10 8.06 -5.50 -12.62
CA VAL B 10 9.24 -5.70 -13.43
C VAL B 10 10.44 -5.44 -12.54
N SER B 11 11.46 -6.29 -12.63
CA SER B 11 12.67 -6.05 -11.87
C SER B 11 13.89 -6.27 -12.74
N GLY B 12 14.99 -5.61 -12.37
CA GLY B 12 16.27 -5.84 -13.00
C GLY B 12 17.40 -5.35 -12.11
N ALA B 13 18.59 -5.83 -12.41
CA ALA B 13 19.78 -5.46 -11.68
C ALA B 13 20.31 -4.12 -12.18
N PRO B 14 21.01 -3.36 -11.36
CA PRO B 14 21.54 -2.08 -11.86
C PRO B 14 22.37 -2.31 -13.12
N GLY B 15 22.18 -1.44 -14.12
CA GLY B 15 22.91 -1.57 -15.35
C GLY B 15 22.21 -2.35 -16.45
N GLN B 16 21.18 -3.11 -16.15
CA GLN B 16 20.55 -3.88 -17.21
C GLN B 16 19.39 -3.07 -17.81
N ARG B 17 18.78 -3.63 -18.85
CA ARG B 17 17.66 -3.08 -19.58
C ARG B 17 16.41 -3.82 -19.20
N VAL B 18 15.33 -3.09 -18.98
CA VAL B 18 14.03 -3.67 -18.68
C VAL B 18 13.00 -2.96 -19.53
N THR B 19 11.93 -3.66 -19.85
CA THR B 19 10.86 -3.12 -20.66
C THR B 19 9.55 -3.30 -19.91
N ILE B 20 8.65 -2.35 -20.15
CA ILE B 20 7.32 -2.34 -19.57
C ILE B 20 6.33 -2.33 -20.73
N SER B 21 5.54 -3.40 -20.86
CA SER B 21 4.53 -3.40 -21.90
C SER B 21 3.26 -2.65 -21.47
N CYS B 22 2.47 -2.25 -22.47
CA CYS B 22 1.25 -1.46 -22.29
C CYS B 22 0.29 -1.91 -23.38
N ALA B 23 -0.72 -2.69 -22.99
CA ALA B 23 -1.64 -3.29 -23.97
C ALA B 23 -2.91 -2.46 -24.05
N GLY B 24 -3.13 -1.83 -25.19
CA GLY B 24 -4.33 -1.08 -25.46
C GLY B 24 -5.28 -1.82 -26.37
N SER B 25 -6.10 -1.07 -27.10
CA SER B 25 -7.16 -1.68 -27.87
C SER B 25 -7.28 -0.98 -29.21
N SER B 26 -8.22 -1.48 -30.03
CA SER B 26 -8.52 -0.86 -31.30
C SER B 26 -9.13 0.53 -31.15
N SER B 27 -9.63 0.90 -29.97
CA SER B 27 -10.27 2.20 -29.82
C SER B 27 -9.35 3.27 -29.25
N ASN B 28 -8.14 2.92 -28.82
CA ASN B 28 -7.20 3.91 -28.31
C ASN B 28 -5.88 3.80 -29.08
N ILE B 29 -4.93 3.01 -28.60
CA ILE B 29 -3.64 2.94 -29.29
C ILE B 29 -3.83 2.48 -30.72
N GLY B 30 -4.69 1.49 -30.95
CA GLY B 30 -4.93 1.00 -32.30
C GLY B 30 -5.60 1.98 -33.23
N ALA B 31 -6.20 3.00 -32.69
CA ALA B 31 -6.92 3.96 -33.51
C ALA B 31 -6.06 5.16 -33.91
N GLY B 32 -4.82 5.23 -33.44
CA GLY B 32 -3.94 6.31 -33.80
C GLY B 32 -3.69 7.38 -32.74
N PHE B 33 -4.22 7.24 -31.54
CA PHE B 33 -3.94 8.18 -30.46
C PHE B 33 -2.56 7.89 -29.88
N ASP B 34 -1.93 8.96 -29.40
CA ASP B 34 -0.59 8.89 -28.88
C ASP B 34 -0.58 8.25 -27.49
N VAL B 35 0.62 7.86 -27.04
CA VAL B 35 0.88 7.23 -25.76
C VAL B 35 1.85 8.10 -24.96
N TYR B 36 1.59 8.24 -23.65
CA TYR B 36 2.39 9.02 -22.72
C TYR B 36 2.74 8.12 -21.55
N TRP B 37 3.82 8.43 -20.87
CA TRP B 37 4.31 7.66 -19.74
C TRP B 37 4.61 8.60 -18.59
N TYR B 38 4.21 8.18 -17.39
CA TYR B 38 4.45 8.89 -16.15
C TYR B 38 5.27 8.00 -15.21
N GLN B 39 6.14 8.64 -14.45
CA GLN B 39 6.95 7.99 -13.43
C GLN B 39 6.56 8.55 -12.09
N GLN B 40 6.30 7.67 -11.12
CA GLN B 40 5.91 8.08 -9.79
C GLN B 40 6.84 7.43 -8.79
N LEU B 41 7.86 8.19 -8.37
CA LEU B 41 8.74 7.74 -7.30
C LEU B 41 7.90 7.63 -6.03
N PRO B 42 8.27 6.72 -5.11
CA PRO B 42 7.44 6.54 -3.92
C PRO B 42 7.31 7.85 -3.17
N GLY B 43 6.07 8.17 -2.79
CA GLY B 43 5.82 9.38 -2.04
C GLY B 43 5.81 10.68 -2.81
N THR B 44 5.91 10.64 -4.13
CA THR B 44 6.09 11.84 -4.92
C THR B 44 4.98 11.99 -5.97
N ALA B 45 4.85 13.18 -6.50
CA ALA B 45 3.87 13.40 -7.54
C ALA B 45 4.31 12.71 -8.83
N PRO B 46 3.40 12.09 -9.55
CA PRO B 46 3.76 11.56 -10.88
C PRO B 46 4.41 12.67 -11.72
N LYS B 47 5.31 12.25 -12.60
CA LYS B 47 6.06 13.14 -13.47
C LYS B 47 5.93 12.66 -14.89
N LEU B 48 5.71 13.57 -15.82
CA LEU B 48 5.75 13.21 -17.23
C LEU B 48 7.13 12.67 -17.59
N LEU B 49 7.15 11.50 -18.19
CA LEU B 49 8.39 10.86 -18.64
C LEU B 49 8.53 10.82 -20.15
N ILE B 50 7.45 10.49 -20.86
CA ILE B 50 7.45 10.35 -22.31
C ILE B 50 6.12 10.93 -22.81
N TYR B 51 6.19 11.65 -23.92
CA TYR B 51 4.99 12.17 -24.57
C TYR B 51 5.15 11.91 -26.06
N GLY B 52 4.01 11.81 -26.74
CA GLY B 52 4.01 11.59 -28.18
C GLY B 52 4.69 10.29 -28.58
N ASN B 53 4.51 9.24 -27.78
CA ASN B 53 5.05 7.90 -28.05
C ASN B 53 6.55 7.75 -27.77
N ASN B 54 7.37 8.71 -28.19
CA ASN B 54 8.81 8.54 -28.04
C ASN B 54 9.57 9.84 -27.80
N ASN B 55 8.93 10.89 -27.36
CA ASN B 55 9.61 12.13 -27.03
C ASN B 55 9.86 12.25 -25.54
N ARG B 56 10.99 12.84 -25.17
CA ARG B 56 11.31 13.00 -23.76
C ARG B 56 11.29 14.47 -23.39
N PRO B 57 10.69 14.85 -22.27
CA PRO B 57 10.82 16.22 -21.78
C PRO B 57 12.22 16.47 -21.22
N SER B 58 12.59 17.75 -21.16
CA SER B 58 13.83 18.11 -20.49
C SER B 58 13.78 17.65 -19.03
N GLY B 59 14.92 17.21 -18.53
CA GLY B 59 14.99 16.60 -17.23
C GLY B 59 14.82 15.11 -17.19
N VAL B 60 14.46 14.48 -18.29
CA VAL B 60 14.30 13.04 -18.37
C VAL B 60 15.51 12.49 -19.11
N PRO B 61 16.29 11.58 -18.49
CA PRO B 61 17.48 11.06 -19.14
C PRO B 61 17.15 10.23 -20.38
N ASP B 62 18.14 10.14 -21.25
CA ASP B 62 17.96 9.38 -22.49
C ASP B 62 17.91 7.88 -22.25
N ARG B 63 18.12 7.41 -21.01
CA ARG B 63 17.96 5.99 -20.72
C ARG B 63 16.52 5.53 -20.94
N PHE B 64 15.55 6.44 -20.87
CA PHE B 64 14.16 6.11 -21.07
C PHE B 64 13.79 6.31 -22.54
N SER B 65 13.14 5.32 -23.13
CA SER B 65 12.65 5.43 -24.49
C SER B 65 11.32 4.71 -24.61
N GLY B 66 10.48 5.25 -25.48
CA GLY B 66 9.14 4.73 -25.66
C GLY B 66 8.91 4.31 -27.09
N SER B 67 7.92 3.44 -27.27
CA SER B 67 7.60 2.96 -28.62
C SER B 67 6.14 2.52 -28.63
N LYS B 68 5.55 2.43 -29.82
CA LYS B 68 4.16 2.09 -30.04
C LYS B 68 4.13 1.19 -31.28
N SER B 69 3.33 0.12 -31.23
CA SER B 69 3.11 -0.72 -32.41
C SER B 69 1.73 -1.36 -32.33
N GLY B 70 0.93 -1.21 -33.38
CA GLY B 70 -0.42 -1.78 -33.37
C GLY B 70 -1.24 -1.27 -32.21
N THR B 71 -1.68 -2.18 -31.33
CA THR B 71 -2.51 -1.80 -30.21
C THR B 71 -1.73 -1.72 -28.89
N SER B 72 -0.40 -1.81 -28.95
CA SER B 72 0.40 -1.87 -27.74
C SER B 72 1.54 -0.85 -27.80
N ALA B 73 2.08 -0.54 -26.63
CA ALA B 73 3.21 0.35 -26.49
C ALA B 73 4.15 -0.24 -25.44
N SER B 74 5.33 0.35 -25.32
CA SER B 74 6.40 -0.21 -24.51
C SER B 74 7.28 0.93 -24.03
N LEU B 75 7.70 0.85 -22.77
CA LEU B 75 8.72 1.72 -22.22
C LEU B 75 9.96 0.89 -21.92
N ALA B 76 11.12 1.34 -22.38
CA ALA B 76 12.38 0.68 -22.11
C ALA B 76 13.26 1.61 -21.27
N ILE B 77 13.89 1.02 -20.26
CA ILE B 77 14.80 1.69 -19.36
C ILE B 77 16.14 0.98 -19.49
N THR B 78 17.15 1.66 -20.03
CA THR B 78 18.51 1.11 -20.07
C THR B 78 19.32 1.69 -18.91
N GLY B 79 20.39 0.99 -18.56
CA GLY B 79 21.26 1.48 -17.50
C GLY B 79 20.45 1.72 -16.24
N LEU B 80 19.63 0.72 -15.88
CA LEU B 80 18.80 0.80 -14.70
C LEU B 80 19.59 1.26 -13.49
N GLN B 81 19.07 2.29 -12.83
CA GLN B 81 19.68 2.86 -11.64
C GLN B 81 18.70 2.81 -10.48
N ALA B 82 19.24 2.95 -9.27
CA ALA B 82 18.39 2.85 -8.08
C ALA B 82 17.23 3.84 -8.16
N GLU B 83 17.48 5.03 -8.71
CA GLU B 83 16.48 6.08 -8.80
C GLU B 83 15.32 5.70 -9.68
N ASP B 84 15.43 4.66 -10.47
CA ASP B 84 14.37 4.26 -11.38
C ASP B 84 13.34 3.35 -10.72
N GLU B 85 13.57 2.94 -9.47
CA GLU B 85 12.62 2.11 -8.72
C GLU B 85 11.40 2.97 -8.42
N ALA B 86 10.26 2.62 -9.00
CA ALA B 86 9.12 3.52 -9.04
C ALA B 86 7.96 2.84 -9.73
N ASP B 87 6.79 3.48 -9.68
CA ASP B 87 5.64 3.04 -10.44
C ASP B 87 5.59 3.81 -11.74
N TYR B 88 5.24 3.13 -12.82
CA TYR B 88 5.20 3.73 -14.16
C TYR B 88 3.81 3.46 -14.74
N TYR B 89 3.20 4.51 -15.30
CA TYR B 89 1.85 4.48 -15.86
C TYR B 89 1.95 4.93 -17.31
N CYS B 90 1.39 4.14 -18.21
CA CYS B 90 1.13 4.60 -19.56
C CYS B 90 -0.25 5.24 -19.63
N GLN B 91 -0.48 6.00 -20.69
CA GLN B 91 -1.70 6.78 -20.82
C GLN B 91 -1.92 7.05 -22.30
N SER B 92 -3.17 6.97 -22.72
CA SER B 92 -3.54 7.37 -24.07
C SER B 92 -4.93 7.98 -24.04
N SER B 93 -5.66 7.90 -25.13
CA SER B 93 -7.01 8.45 -25.20
C SER B 93 -7.77 7.65 -26.23
N GLY B 94 -9.09 7.75 -26.16
CA GLY B 94 -9.96 7.04 -27.08
C GLY B 94 -10.97 7.95 -27.74
N SER B 95 -12.04 7.38 -28.27
CA SER B 95 -13.01 8.19 -29.01
C SER B 95 -14.28 8.51 -28.24
N VAL B 96 -14.51 7.90 -27.09
CA VAL B 96 -15.71 8.14 -26.32
C VAL B 96 -15.37 8.99 -25.11
N LEU B 97 -16.39 9.64 -24.56
CA LEU B 97 -16.15 10.60 -23.48
C LEU B 97 -15.44 9.93 -22.31
N SER B 98 -15.88 8.72 -21.94
CA SER B 98 -15.25 8.02 -20.83
C SER B 98 -13.76 7.82 -21.06
N ASP B 99 -13.33 7.78 -22.32
CA ASP B 99 -11.94 7.51 -22.67
C ASP B 99 -11.19 8.77 -23.12
N LEU B 100 -11.66 9.94 -22.73
CA LEU B 100 -10.91 11.16 -23.00
C LEU B 100 -9.46 10.99 -22.59
N TYR B 101 -9.22 10.42 -21.40
CA TYR B 101 -7.91 9.99 -20.92
C TYR B 101 -8.04 8.53 -20.52
N VAL B 102 -7.13 7.68 -21.01
CA VAL B 102 -7.16 6.25 -20.69
C VAL B 102 -5.83 5.91 -20.04
N PHE B 103 -5.87 5.32 -18.86
CA PHE B 103 -4.63 5.07 -18.15
C PHE B 103 -4.33 3.58 -18.04
N GLY B 104 -3.02 3.34 -17.84
CA GLY B 104 -2.56 2.01 -17.57
C GLY B 104 -2.79 1.59 -16.14
N THR B 105 -2.70 0.28 -15.92
CA THR B 105 -2.87 -0.32 -14.61
C THR B 105 -1.65 -0.16 -13.72
N GLY B 106 -0.53 0.34 -14.25
CA GLY B 106 0.66 0.59 -13.47
C GLY B 106 1.62 -0.56 -13.29
N THR B 107 2.92 -0.25 -13.32
CA THR B 107 3.97 -1.24 -13.19
C THR B 107 4.97 -0.76 -12.15
N LYS B 108 5.23 -1.58 -11.12
CA LYS B 108 6.27 -1.29 -10.15
C LYS B 108 7.58 -1.89 -10.67
N VAL B 109 8.56 -1.04 -10.91
CA VAL B 109 9.91 -1.47 -11.24
C VAL B 109 10.73 -1.60 -9.97
N THR B 110 11.31 -2.77 -9.75
CA THR B 110 12.19 -3.03 -8.65
C THR B 110 13.61 -3.08 -9.19
N VAL B 111 14.50 -2.30 -8.59
CA VAL B 111 15.91 -2.35 -8.91
C VAL B 111 16.61 -3.17 -7.84
N LEU B 112 17.16 -4.31 -8.25
CA LEU B 112 17.76 -5.26 -7.32
C LEU B 112 19.15 -4.77 -6.95
N GLY B 113 19.19 -3.90 -5.97
CA GLY B 113 20.45 -3.33 -5.54
C GLY B 113 21.20 -4.06 -4.47
N GLN B 114 20.71 -5.19 -3.97
CA GLN B 114 21.44 -5.96 -2.99
C GLN B 114 21.13 -7.44 -3.20
N PRO B 115 21.95 -8.32 -2.65
CA PRO B 115 21.74 -9.76 -2.92
C PRO B 115 20.48 -10.29 -2.24
N LYS B 116 19.99 -11.40 -2.78
CA LYS B 116 18.86 -12.09 -2.19
C LYS B 116 19.16 -12.45 -0.74
N ALA B 117 18.16 -12.23 0.12
CA ALA B 117 18.20 -12.62 1.52
C ALA B 117 16.95 -13.44 1.81
N ALA B 118 17.10 -14.56 2.47
CA ALA B 118 15.97 -15.46 2.72
C ALA B 118 15.20 -15.06 3.97
N PRO B 119 13.88 -15.29 4.00
CA PRO B 119 13.10 -14.89 5.17
C PRO B 119 13.29 -15.83 6.34
N SER B 120 13.29 -15.22 7.52
CA SER B 120 13.08 -15.87 8.81
C SER B 120 11.59 -15.84 9.12
N VAL B 121 11.03 -16.98 9.53
CA VAL B 121 9.60 -17.11 9.76
C VAL B 121 9.34 -17.53 11.21
N THR B 122 8.48 -16.78 11.89
CA THR B 122 8.15 -17.01 13.28
C THR B 122 6.64 -17.14 13.43
N LEU B 123 6.18 -18.26 13.98
CA LEU B 123 4.75 -18.58 14.04
C LEU B 123 4.32 -18.70 15.49
N PHE B 124 3.38 -17.90 15.89
CA PHE B 124 2.87 -17.92 17.28
C PHE B 124 1.46 -18.48 17.32
N PRO B 125 1.14 -19.38 18.26
CA PRO B 125 -0.26 -19.82 18.40
C PRO B 125 -1.09 -18.79 19.15
N PRO B 126 -2.42 -18.93 19.15
CA PRO B 126 -3.26 -18.13 20.03
C PRO B 126 -2.85 -18.23 21.50
N SER B 127 -2.86 -17.12 22.20
CA SER B 127 -2.59 -17.09 23.62
C SER B 127 -3.83 -17.59 24.36
N SER B 128 -3.59 -18.24 25.50
CA SER B 128 -4.70 -18.69 26.33
C SER B 128 -5.63 -17.52 26.64
N GLU B 129 -5.08 -16.33 26.87
CA GLU B 129 -5.89 -15.18 27.27
C GLU B 129 -6.83 -14.77 26.14
N GLU B 130 -6.36 -14.85 24.92
CA GLU B 130 -7.21 -14.50 23.79
C GLU B 130 -8.30 -15.54 23.62
N LEU B 131 -7.98 -16.82 23.84
CA LEU B 131 -9.00 -17.85 23.81
C LEU B 131 -10.10 -17.57 24.85
N GLN B 132 -9.72 -17.03 26.00
CA GLN B 132 -10.72 -16.72 27.02
C GLN B 132 -11.65 -15.58 26.59
N ALA B 133 -11.17 -14.69 25.71
CA ALA B 133 -11.98 -13.66 25.10
C ALA B 133 -12.74 -14.16 23.86
N ASN B 134 -12.75 -15.48 23.64
CA ASN B 134 -13.56 -16.12 22.61
C ASN B 134 -13.05 -15.81 21.20
N LYS B 135 -11.75 -15.62 21.07
CA LYS B 135 -11.11 -15.36 19.80
C LYS B 135 -9.84 -16.21 19.73
N ALA B 136 -9.29 -16.34 18.52
CA ALA B 136 -8.09 -17.12 18.30
C ALA B 136 -7.38 -16.55 17.07
N THR B 137 -6.18 -16.04 17.24
CA THR B 137 -5.41 -15.48 16.14
C THR B 137 -4.07 -16.21 16.08
N LEU B 138 -3.77 -16.81 14.93
CA LEU B 138 -2.42 -17.27 14.66
C LEU B 138 -1.62 -16.16 13.99
N VAL B 139 -0.38 -15.99 14.44
CA VAL B 139 0.47 -14.90 13.99
C VAL B 139 1.71 -15.47 13.31
N CYS B 140 1.89 -15.14 12.04
CA CYS B 140 3.06 -15.53 11.26
C CYS B 140 3.87 -14.30 10.89
N LEU B 141 5.07 -14.19 11.45
CA LEU B 141 5.91 -13.02 11.27
C LEU B 141 7.07 -13.38 10.35
N ILE B 142 7.33 -12.54 9.36
CA ILE B 142 8.28 -12.84 8.28
C ILE B 142 9.27 -11.70 8.21
N SER B 143 10.57 -11.98 8.37
CA SER B 143 11.53 -10.90 8.45
C SER B 143 12.81 -11.18 7.66
N ASP B 144 13.55 -10.11 7.43
CA ASP B 144 14.91 -10.15 6.88
C ASP B 144 14.98 -10.75 5.48
N PHE B 145 13.99 -10.45 4.64
CA PHE B 145 14.08 -10.98 3.29
C PHE B 145 14.28 -9.88 2.25
N TYR B 146 14.85 -10.28 1.11
CA TYR B 146 15.10 -9.35 -0.02
C TYR B 146 15.10 -10.21 -1.29
N PRO B 147 14.42 -9.80 -2.35
CA PRO B 147 13.61 -8.61 -2.46
C PRO B 147 12.31 -8.69 -1.68
N GLY B 148 11.57 -7.59 -1.70
CA GLY B 148 10.44 -7.45 -0.80
C GLY B 148 9.13 -7.90 -1.39
N ALA B 149 9.03 -9.21 -1.61
CA ALA B 149 7.89 -9.83 -2.26
C ALA B 149 7.77 -11.25 -1.71
N VAL B 150 6.62 -11.57 -1.14
CA VAL B 150 6.36 -12.88 -0.55
C VAL B 150 4.92 -13.26 -0.80
N THR B 151 4.65 -14.55 -0.74
CA THR B 151 3.27 -15.04 -0.69
C THR B 151 3.18 -15.95 0.53
N VAL B 152 2.04 -15.93 1.19
CA VAL B 152 1.80 -16.73 2.40
C VAL B 152 0.59 -17.59 2.11
N ALA B 153 0.66 -18.86 2.47
CA ALA B 153 -0.49 -19.74 2.44
C ALA B 153 -0.61 -20.45 3.76
N TRP B 154 -1.83 -20.57 4.26
CA TRP B 154 -2.16 -21.25 5.49
C TRP B 154 -2.82 -22.59 5.20
N LYS B 155 -2.62 -23.56 6.09
CA LYS B 155 -3.20 -24.87 5.95
C LYS B 155 -3.73 -25.27 7.31
N ALA B 156 -4.87 -25.97 7.30
CA ALA B 156 -5.43 -26.62 8.50
C ALA B 156 -5.27 -28.12 8.28
N ASP B 157 -4.49 -28.77 9.14
CA ASP B 157 -4.05 -30.13 8.85
C ASP B 157 -3.32 -30.03 7.53
N SER B 158 -3.85 -30.62 6.46
CA SER B 158 -3.18 -30.51 5.18
C SER B 158 -3.99 -29.79 4.12
N SER B 159 -5.05 -29.08 4.50
CA SER B 159 -5.90 -28.48 3.47
C SER B 159 -5.84 -26.95 3.52
N PRO B 160 -5.79 -26.29 2.36
CA PRO B 160 -5.66 -24.83 2.36
C PRO B 160 -6.80 -24.14 3.07
N VAL B 161 -6.46 -23.03 3.70
CA VAL B 161 -7.38 -22.16 4.41
C VAL B 161 -7.26 -20.78 3.80
N LYS B 162 -8.37 -20.27 3.24
CA LYS B 162 -8.44 -18.91 2.70
C LYS B 162 -9.19 -17.93 3.60
N ALA B 163 -10.28 -18.38 4.23
CA ALA B 163 -11.07 -17.51 5.07
C ALA B 163 -10.32 -17.14 6.33
N GLY B 164 -10.48 -15.89 6.75
CA GLY B 164 -9.90 -15.42 7.98
C GLY B 164 -8.43 -15.04 7.91
N VAL B 165 -7.86 -14.95 6.71
CA VAL B 165 -6.45 -14.66 6.51
C VAL B 165 -6.29 -13.21 6.12
N GLU B 166 -5.38 -12.50 6.79
CA GLU B 166 -5.02 -11.13 6.45
C GLU B 166 -3.51 -11.02 6.48
N THR B 167 -2.93 -10.46 5.41
CA THR B 167 -1.49 -10.44 5.21
C THR B 167 -1.07 -9.04 4.81
N THR B 168 0.04 -8.57 5.36
CA THR B 168 0.45 -7.20 5.06
C THR B 168 1.24 -7.17 3.76
N THR B 169 1.33 -6.00 3.16
CA THR B 169 2.35 -5.79 2.13
C THR B 169 3.73 -5.68 2.78
N PRO B 170 4.78 -6.24 2.14
CA PRO B 170 6.13 -6.12 2.72
C PRO B 170 6.53 -4.67 2.84
N SER B 171 7.19 -4.32 3.94
CA SER B 171 7.70 -2.97 4.18
C SER B 171 9.16 -3.07 4.60
N LYS B 172 9.94 -2.03 4.31
CA LYS B 172 11.37 -2.11 4.56
C LYS B 172 11.72 -1.96 6.02
N GLN B 173 12.61 -2.82 6.51
CA GLN B 173 13.12 -2.72 7.86
C GLN B 173 14.22 -1.66 7.95
N SER B 174 14.83 -1.55 9.13
CA SER B 174 15.91 -0.57 9.31
C SER B 174 17.16 -0.97 8.54
N ASN B 175 17.38 -2.27 8.34
CA ASN B 175 18.52 -2.77 7.61
C ASN B 175 18.27 -2.90 6.12
N ASN B 176 17.21 -2.28 5.60
CA ASN B 176 16.87 -2.30 4.19
C ASN B 176 16.42 -3.67 3.70
N LYS B 177 16.31 -4.67 4.55
CA LYS B 177 15.57 -5.86 4.18
C LYS B 177 14.09 -5.58 4.45
N TYR B 178 13.25 -6.57 4.19
CA TYR B 178 11.82 -6.40 4.29
C TYR B 178 11.23 -7.31 5.36
N ALA B 179 10.05 -6.90 5.85
CA ALA B 179 9.28 -7.60 6.87
C ALA B 179 7.83 -7.65 6.37
N ALA B 180 7.13 -8.69 6.81
CA ALA B 180 5.69 -8.77 6.56
C ALA B 180 5.09 -9.67 7.64
N SER B 181 3.77 -9.66 7.74
CA SER B 181 3.08 -10.49 8.72
C SER B 181 1.78 -10.99 8.14
N SER B 182 1.37 -12.16 8.59
CA SER B 182 0.11 -12.77 8.18
C SER B 182 -0.60 -13.27 9.42
N TYR B 183 -1.90 -13.10 9.44
CA TYR B 183 -2.74 -13.46 10.59
C TYR B 183 -3.87 -14.36 10.14
N LEU B 184 -4.06 -15.46 10.86
CA LEU B 184 -5.20 -16.35 10.60
C LEU B 184 -6.13 -16.25 11.80
N SER B 185 -7.35 -15.75 11.55
CA SER B 185 -8.37 -15.57 12.59
C SER B 185 -9.28 -16.78 12.59
N LEU B 186 -9.39 -17.43 13.74
CA LEU B 186 -10.20 -18.62 13.93
C LEU B 186 -11.09 -18.41 15.15
N THR B 187 -12.13 -19.23 15.24
CA THR B 187 -12.85 -19.37 16.50
C THR B 187 -12.09 -20.33 17.41
N PRO B 188 -12.25 -20.19 18.73
CA PRO B 188 -11.63 -21.19 19.64
C PRO B 188 -11.95 -22.62 19.25
N GLU B 189 -13.20 -22.87 18.82
CA GLU B 189 -13.60 -24.21 18.42
C GLU B 189 -12.85 -24.69 17.18
N GLN B 190 -12.67 -23.82 16.17
CA GLN B 190 -11.85 -24.22 15.03
C GLN B 190 -10.42 -24.55 15.48
N TRP B 191 -9.84 -23.71 16.34
CA TRP B 191 -8.48 -23.96 16.82
C TRP B 191 -8.36 -25.33 17.45
N LYS B 192 -9.34 -25.73 18.27
CA LYS B 192 -9.19 -26.96 19.03
C LYS B 192 -9.59 -28.22 18.24
N SER B 193 -10.38 -28.07 17.17
CA SER B 193 -10.89 -29.25 16.47
C SER B 193 -9.93 -29.82 15.46
N HIS B 194 -9.14 -28.98 14.81
CA HIS B 194 -8.13 -29.41 13.87
C HIS B 194 -6.87 -29.84 14.61
N ARG B 195 -6.07 -30.65 13.94
CA ARG B 195 -4.89 -31.14 14.64
C ARG B 195 -3.75 -30.15 14.54
N SER B 196 -3.65 -29.42 13.45
CA SER B 196 -2.52 -28.52 13.27
C SER B 196 -2.87 -27.41 12.29
N TYR B 197 -2.08 -26.35 12.33
CA TYR B 197 -2.20 -25.25 11.39
C TYR B 197 -0.80 -24.87 10.94
N SER B 198 -0.66 -24.55 9.67
CA SER B 198 0.63 -24.20 9.12
C SER B 198 0.58 -22.87 8.38
N CYS B 199 1.68 -22.12 8.52
CA CYS B 199 2.00 -20.94 7.72
C CYS B 199 3.14 -21.29 6.77
N GLN B 200 2.90 -21.22 5.47
CA GLN B 200 3.90 -21.50 4.46
C GLN B 200 4.26 -20.20 3.73
N VAL B 201 5.53 -19.80 3.81
CA VAL B 201 6.02 -18.56 3.21
C VAL B 201 6.84 -18.92 1.97
N THR B 202 6.44 -18.38 0.83
CA THR B 202 7.18 -18.57 -0.41
C THR B 202 7.91 -17.28 -0.77
N HIS B 203 9.19 -17.41 -1.08
CA HIS B 203 10.05 -16.28 -1.45
C HIS B 203 11.02 -16.75 -2.52
N GLU B 204 10.97 -16.10 -3.67
CA GLU B 204 11.90 -16.38 -4.77
C GLU B 204 12.05 -17.87 -5.02
N GLY B 205 10.92 -18.56 -5.10
CA GLY B 205 10.95 -19.95 -5.48
C GLY B 205 11.20 -20.96 -4.38
N SER B 206 11.45 -20.54 -3.13
CA SER B 206 11.75 -21.45 -2.04
C SER B 206 10.72 -21.22 -0.95
N THR B 207 10.48 -22.25 -0.15
CA THR B 207 9.43 -22.17 0.84
C THR B 207 9.94 -22.57 2.21
N VAL B 208 9.37 -21.92 3.22
CA VAL B 208 9.57 -22.21 4.62
C VAL B 208 8.19 -22.35 5.24
N GLU B 209 7.97 -23.45 5.94
CA GLU B 209 6.66 -23.75 6.49
C GLU B 209 6.82 -24.09 7.96
N LYS B 210 6.09 -23.39 8.81
CA LYS B 210 6.05 -23.63 10.25
C LYS B 210 4.65 -24.10 10.65
N THR B 211 4.58 -25.04 11.62
CA THR B 211 3.31 -25.62 12.07
C THR B 211 3.20 -25.51 13.59
N VAL B 212 1.97 -25.29 14.04
CA VAL B 212 1.60 -25.27 15.45
C VAL B 212 0.36 -26.12 15.62
N ALA B 213 0.10 -26.52 16.86
CA ALA B 213 -1.04 -27.38 17.11
C ALA B 213 -1.64 -27.03 18.47
N PRO B 214 -2.97 -27.13 18.60
CA PRO B 214 -3.61 -26.70 19.86
C PRO B 214 -3.18 -27.52 21.03
N THR B 215 -2.67 -28.73 20.80
CA THR B 215 -2.32 -29.67 21.85
C THR B 215 -0.90 -29.45 22.33
N GLU B 216 -0.30 -28.30 22.02
CA GLU B 216 1.09 -27.97 22.40
C GLU B 216 1.22 -27.77 23.90
#